data_5WOF
#
_entry.id   5WOF
#
_cell.length_a   68.920
_cell.length_b   108.088
_cell.length_c   43.883
_cell.angle_alpha   90.000
_cell.angle_beta   115.110
_cell.angle_gamma   90.000
#
_symmetry.space_group_name_H-M   'C 1 2 1'
#
loop_
_entity.id
_entity.type
_entity.pdbx_description
1 polymer 'Dynein light chain 1, putative'
2 water water
#
_entity_poly.entity_id   1
_entity_poly.type   'polypeptide(L)'
_entity_poly.pdbx_seq_one_letter_code
;MGSSHHHHHHSSGLVPRGSVVKNVDMTEEMQIDAIDCANQALQKYNVEKDIAAHIKKEFDRKYDPTWHCVVGRNFGSYVT
HETKNFIYFYIGQVAILLFKSG
;
_entity_poly.pdbx_strand_id   A,B,C
#
# COMPACT_ATOMS: atom_id res chain seq x y z
N SER A 19 -8.57 10.48 -8.01
CA SER A 19 -8.48 10.47 -6.55
C SER A 19 -8.09 9.06 -6.08
N VAL A 20 -6.81 8.90 -5.70
CA VAL A 20 -6.24 7.61 -5.32
C VAL A 20 -5.42 7.76 -4.05
N VAL A 21 -5.55 6.83 -3.13
CA VAL A 21 -4.62 6.68 -2.00
C VAL A 21 -3.99 5.32 -2.21
N LYS A 22 -2.67 5.24 -2.27
CA LYS A 22 -2.03 3.94 -2.46
C LYS A 22 -0.74 3.86 -1.71
N ASN A 23 -0.28 2.63 -1.44
CA ASN A 23 1.01 2.42 -0.78
C ASN A 23 2.11 2.58 -1.80
N VAL A 24 3.32 2.91 -1.35
CA VAL A 24 4.49 3.07 -2.23
C VAL A 24 4.74 1.79 -3.10
N ASP A 25 4.37 0.60 -2.61
CA ASP A 25 4.62 -0.67 -3.35
C ASP A 25 3.58 -0.91 -4.45
N MET A 26 2.51 -0.11 -4.49
CA MET A 26 1.51 -0.15 -5.54
C MET A 26 2.02 0.76 -6.66
N THR A 27 3.03 0.31 -7.47
CA THR A 27 3.57 1.26 -8.47
C THR A 27 2.66 1.24 -9.68
N GLU A 28 3.01 2.05 -10.69
CA GLU A 28 2.13 2.28 -11.83
C GLU A 28 1.61 0.98 -12.47
N GLU A 29 2.45 -0.04 -12.71
CA GLU A 29 1.97 -1.27 -13.38
C GLU A 29 0.89 -1.98 -12.54
N MET A 30 1.10 -2.05 -11.21
CA MET A 30 0.14 -2.70 -10.35
C MET A 30 -1.14 -1.88 -10.24
N GLN A 31 -1.01 -0.54 -10.17
CA GLN A 31 -2.18 0.35 -10.14
C GLN A 31 -2.98 0.20 -11.45
N ILE A 32 -2.29 0.23 -12.60
CA ILE A 32 -2.96 0.02 -13.90
C ILE A 32 -3.72 -1.31 -13.88
N ASP A 33 -3.09 -2.38 -13.35
CA ASP A 33 -3.74 -3.69 -13.26
C ASP A 33 -4.93 -3.67 -12.31
N ALA A 34 -4.86 -2.91 -11.20
CA ALA A 34 -6.00 -2.82 -10.28
C ALA A 34 -7.19 -2.14 -10.97
N ILE A 35 -6.92 -1.02 -11.67
CA ILE A 35 -7.96 -0.29 -12.41
C ILE A 35 -8.56 -1.21 -13.50
N ASP A 36 -7.70 -1.86 -14.31
CA ASP A 36 -8.16 -2.78 -15.37
C ASP A 36 -9.00 -3.90 -14.79
N CYS A 37 -8.51 -4.53 -13.68
N CYS A 37 -8.54 -4.51 -13.70
CA CYS A 37 -9.24 -5.63 -13.00
CA CYS A 37 -9.26 -5.60 -13.09
C CYS A 37 -10.60 -5.14 -12.53
C CYS A 37 -10.62 -5.12 -12.55
N ALA A 38 -10.66 -3.93 -11.94
CA ALA A 38 -11.91 -3.37 -11.44
C ALA A 38 -12.84 -3.08 -12.60
N ASN A 39 -12.32 -2.52 -13.69
CA ASN A 39 -13.15 -2.28 -14.87
C ASN A 39 -13.68 -3.61 -15.47
N GLN A 40 -12.84 -4.66 -15.50
CA GLN A 40 -13.23 -5.97 -16.03
C GLN A 40 -14.31 -6.58 -15.12
N ALA A 41 -14.14 -6.47 -13.83
CA ALA A 41 -15.13 -7.00 -12.89
C ALA A 41 -16.47 -6.27 -13.02
N LEU A 42 -16.45 -4.93 -13.13
CA LEU A 42 -17.68 -4.15 -13.24
C LEU A 42 -18.38 -4.41 -14.59
N GLN A 43 -17.59 -4.71 -15.62
CA GLN A 43 -18.09 -5.05 -16.95
C GLN A 43 -18.81 -6.41 -16.94
N LYS A 44 -18.28 -7.38 -16.18
CA LYS A 44 -18.80 -8.75 -16.17
C LYS A 44 -19.94 -9.00 -15.14
N TYR A 45 -19.86 -8.39 -13.95
CA TYR A 45 -20.74 -8.73 -12.83
C TYR A 45 -21.59 -7.55 -12.35
N ASN A 46 -22.80 -7.86 -11.84
CA ASN A 46 -23.73 -6.83 -11.38
C ASN A 46 -23.64 -6.62 -9.87
N VAL A 47 -23.37 -7.69 -9.10
CA VAL A 47 -23.42 -7.66 -7.63
C VAL A 47 -22.05 -7.26 -7.06
N GLU A 48 -22.03 -6.21 -6.23
CA GLU A 48 -20.77 -5.62 -5.76
C GLU A 48 -19.91 -6.63 -4.99
N LYS A 49 -20.51 -7.55 -4.24
CA LYS A 49 -19.72 -8.59 -3.55
C LYS A 49 -18.97 -9.47 -4.57
N ASP A 50 -19.60 -9.78 -5.70
CA ASP A 50 -18.97 -10.61 -6.75
C ASP A 50 -17.90 -9.83 -7.49
N ILE A 51 -18.16 -8.54 -7.73
CA ILE A 51 -17.18 -7.65 -8.35
C ILE A 51 -15.90 -7.65 -7.50
N ALA A 52 -16.05 -7.39 -6.21
CA ALA A 52 -14.93 -7.36 -5.26
C ALA A 52 -14.16 -8.70 -5.26
N ALA A 53 -14.90 -9.81 -5.21
CA ALA A 53 -14.30 -11.16 -5.18
C ALA A 53 -13.48 -11.43 -6.45
N HIS A 54 -13.92 -10.92 -7.62
CA HIS A 54 -13.18 -11.09 -8.87
C HIS A 54 -11.85 -10.35 -8.81
N ILE A 55 -11.86 -9.13 -8.28
CA ILE A 55 -10.65 -8.33 -8.18
C ILE A 55 -9.68 -9.02 -7.24
N LYS A 56 -10.17 -9.44 -6.07
CA LYS A 56 -9.35 -10.14 -5.08
C LYS A 56 -8.71 -11.39 -5.69
N LYS A 57 -9.51 -12.24 -6.38
CA LYS A 57 -9.01 -13.48 -6.98
C LYS A 57 -7.92 -13.19 -7.99
N GLU A 58 -8.12 -12.18 -8.84
CA GLU A 58 -7.14 -11.86 -9.88
C GLU A 58 -5.83 -11.35 -9.27
N PHE A 59 -5.91 -10.54 -8.20
CA PHE A 59 -4.69 -10.04 -7.56
C PHE A 59 -3.97 -11.18 -6.79
N ASP A 60 -4.72 -12.13 -6.17
CA ASP A 60 -4.09 -13.31 -5.56
C ASP A 60 -3.31 -14.10 -6.62
N ARG A 61 -3.91 -14.28 -7.80
CA ARG A 61 -3.28 -15.04 -8.87
C ARG A 61 -2.06 -14.33 -9.47
N LYS A 62 -2.17 -13.01 -9.76
N LYS A 62 -2.19 -13.05 -9.78
CA LYS A 62 -1.12 -12.26 -10.46
CA LYS A 62 -1.11 -12.31 -10.41
C LYS A 62 -0.06 -11.67 -9.53
C LYS A 62 -0.02 -11.95 -9.43
N TYR A 63 -0.41 -11.32 -8.29
CA TYR A 63 0.52 -10.70 -7.36
C TYR A 63 0.66 -11.45 -6.01
N ASP A 64 0.16 -12.68 -5.94
CA ASP A 64 0.30 -13.60 -4.80
C ASP A 64 -0.55 -13.17 -3.61
N PRO A 65 -1.02 -14.19 -2.85
CA PRO A 65 -1.96 -13.92 -1.77
C PRO A 65 -1.31 -13.33 -0.53
N THR A 66 -2.09 -12.74 0.41
CA THR A 66 -3.55 -12.74 0.41
C THR A 66 -4.09 -11.35 0.27
N TRP A 67 -4.89 -11.13 -0.78
CA TRP A 67 -5.55 -9.86 -1.02
C TRP A 67 -6.97 -9.91 -0.52
N HIS A 68 -7.51 -8.74 -0.29
CA HIS A 68 -8.89 -8.55 0.18
C HIS A 68 -9.45 -7.36 -0.57
N CYS A 69 -10.73 -7.37 -0.86
CA CYS A 69 -11.32 -6.29 -1.63
C CYS A 69 -12.73 -6.04 -1.20
N VAL A 70 -13.10 -4.73 -1.13
CA VAL A 70 -14.49 -4.32 -0.93
C VAL A 70 -14.84 -3.25 -1.97
N VAL A 71 -16.03 -3.36 -2.54
CA VAL A 71 -16.52 -2.47 -3.58
C VAL A 71 -17.78 -1.79 -3.08
N GLY A 72 -17.91 -0.50 -3.36
CA GLY A 72 -19.09 0.24 -2.96
C GLY A 72 -19.13 0.50 -1.47
N ARG A 73 -20.34 0.70 -0.94
CA ARG A 73 -20.49 1.07 0.48
C ARG A 73 -21.46 0.16 1.22
N ASN A 74 -21.79 -1.02 0.67
CA ASN A 74 -22.73 -1.94 1.29
C ASN A 74 -22.09 -3.31 1.35
N PHE A 75 -20.92 -3.38 1.98
CA PHE A 75 -20.11 -4.58 2.05
C PHE A 75 -20.04 -5.10 3.48
N GLY A 76 -19.60 -6.33 3.63
CA GLY A 76 -19.40 -6.96 4.92
C GLY A 76 -18.15 -6.43 5.56
N SER A 77 -18.24 -6.02 6.83
CA SER A 77 -17.09 -5.47 7.55
C SER A 77 -15.96 -6.47 7.67
N TYR A 78 -14.74 -5.96 7.75
CA TYR A 78 -13.57 -6.79 7.83
C TYR A 78 -12.54 -6.14 8.73
N VAL A 79 -11.96 -6.94 9.63
CA VAL A 79 -10.89 -6.50 10.48
C VAL A 79 -9.63 -7.09 9.90
N THR A 80 -8.68 -6.25 9.56
CA THR A 80 -7.49 -6.71 8.89
C THR A 80 -6.29 -6.62 9.80
N HIS A 81 -5.35 -7.53 9.60
CA HIS A 81 -4.08 -7.43 10.24
C HIS A 81 -3.27 -6.42 9.39
N GLU A 82 -2.05 -6.09 9.81
CA GLU A 82 -1.29 -5.01 9.16
C GLU A 82 -1.30 -5.16 7.64
N THR A 83 -1.78 -4.13 6.93
CA THR A 83 -1.76 -4.12 5.50
C THR A 83 -0.34 -3.82 5.09
N LYS A 84 0.10 -4.46 4.03
CA LYS A 84 1.45 -4.30 3.49
C LYS A 84 1.42 -3.59 2.12
N ASN A 85 0.29 -3.64 1.44
N ASN A 85 0.40 -3.87 1.30
CA ASN A 85 0.06 -2.95 0.18
CA ASN A 85 0.18 -3.19 0.02
C ASN A 85 -1.42 -2.76 0.01
C ASN A 85 -1.21 -2.66 0.05
N PHE A 86 -1.83 -1.63 -0.59
N PHE A 86 -1.48 -1.59 -0.73
CA PHE A 86 -3.23 -1.36 -0.85
CA PHE A 86 -2.72 -0.86 -0.57
C PHE A 86 -3.41 -0.23 -1.84
C PHE A 86 -3.08 -0.01 -1.78
N ILE A 87 -4.60 -0.16 -2.41
N ILE A 87 -4.39 0.07 -2.07
CA ILE A 87 -5.00 0.96 -3.23
CA ILE A 87 -4.90 1.01 -3.07
C ILE A 87 -6.46 1.26 -2.97
C ILE A 87 -6.40 1.26 -2.81
N TYR A 88 -6.78 2.53 -2.84
CA TYR A 88 -8.13 3.02 -2.64
C TYR A 88 -8.41 3.94 -3.82
N PHE A 89 -9.40 3.63 -4.62
CA PHE A 89 -9.67 4.41 -5.82
C PHE A 89 -11.13 4.26 -6.23
N TYR A 90 -11.54 5.00 -7.25
CA TYR A 90 -12.92 5.01 -7.70
C TYR A 90 -13.04 4.67 -9.17
N ILE A 91 -14.11 3.97 -9.52
CA ILE A 91 -14.57 3.80 -10.89
C ILE A 91 -15.91 4.52 -10.90
N GLY A 92 -15.93 5.75 -11.39
CA GLY A 92 -17.12 6.58 -11.30
C GLY A 92 -17.45 6.84 -9.84
N GLN A 93 -18.69 6.62 -9.43
CA GLN A 93 -19.09 6.86 -8.03
C GLN A 93 -18.77 5.67 -7.12
N VAL A 94 -18.26 4.55 -7.68
CA VAL A 94 -18.08 3.32 -6.93
C VAL A 94 -16.65 3.23 -6.37
N ALA A 95 -16.54 3.15 -5.03
CA ALA A 95 -15.25 3.02 -4.35
C ALA A 95 -14.74 1.61 -4.43
N ILE A 96 -13.43 1.48 -4.59
CA ILE A 96 -12.77 0.19 -4.56
C ILE A 96 -11.63 0.27 -3.56
N LEU A 97 -11.61 -0.64 -2.60
CA LEU A 97 -10.49 -0.74 -1.66
C LEU A 97 -9.91 -2.14 -1.81
N LEU A 98 -8.63 -2.21 -2.18
CA LEU A 98 -7.93 -3.47 -2.46
C LEU A 98 -6.67 -3.46 -1.67
N PHE A 99 -6.46 -4.47 -0.81
CA PHE A 99 -5.34 -4.47 0.09
C PHE A 99 -4.84 -5.85 0.38
N LYS A 100 -3.56 -5.96 0.72
CA LYS A 100 -2.89 -7.21 1.04
C LYS A 100 -2.59 -7.23 2.53
N SER A 101 -3.00 -8.30 3.22
CA SER A 101 -2.83 -8.42 4.66
C SER A 101 -3.09 -9.86 5.10
N GLY A 102 -2.59 -10.21 6.30
CA GLY A 102 -2.82 -11.52 6.91
C GLY A 102 -2.43 -12.71 6.04
N GLY B 18 18.31 -8.71 -21.06
CA GLY B 18 18.88 -8.83 -19.72
C GLY B 18 18.44 -10.09 -19.00
N SER B 19 19.33 -10.63 -18.12
CA SER B 19 19.06 -11.86 -17.34
C SER B 19 18.59 -11.47 -15.95
N VAL B 20 17.29 -11.67 -15.67
CA VAL B 20 16.68 -11.25 -14.42
C VAL B 20 15.80 -12.36 -13.87
N VAL B 21 15.86 -12.59 -12.56
CA VAL B 21 14.86 -13.40 -11.85
C VAL B 21 14.20 -12.42 -10.89
N LYS B 22 12.89 -12.33 -10.93
CA LYS B 22 12.23 -11.41 -10.02
C LYS B 22 10.89 -11.93 -9.61
N ASN B 23 10.39 -11.46 -8.46
CA ASN B 23 9.06 -11.84 -7.98
C ASN B 23 8.02 -11.05 -8.76
N VAL B 24 6.80 -11.57 -8.82
CA VAL B 24 5.68 -10.90 -9.51
C VAL B 24 5.45 -9.45 -8.97
N ASP B 25 5.72 -9.19 -7.68
CA ASP B 25 5.49 -7.86 -7.08
C ASP B 25 6.61 -6.88 -7.44
N MET B 26 7.70 -7.37 -8.09
CA MET B 26 8.78 -6.52 -8.56
C MET B 26 8.36 -6.00 -9.92
N THR B 27 7.45 -5.06 -9.88
CA THR B 27 6.86 -4.42 -11.03
C THR B 27 7.90 -3.70 -11.90
N GLU B 28 7.52 -3.34 -13.14
CA GLU B 28 8.43 -2.64 -14.04
C GLU B 28 9.03 -1.38 -13.39
N GLU B 29 8.20 -0.55 -12.71
CA GLU B 29 8.73 0.69 -12.10
C GLU B 29 9.73 0.35 -10.99
N MET B 30 9.45 -0.70 -10.22
CA MET B 30 10.32 -1.08 -9.13
C MET B 30 11.60 -1.67 -9.68
N GLN B 31 11.51 -2.47 -10.73
CA GLN B 31 12.69 -3.03 -11.40
C GLN B 31 13.55 -1.89 -11.97
N ILE B 32 12.95 -0.94 -12.68
CA ILE B 32 13.68 0.22 -13.22
C ILE B 32 14.38 0.94 -12.06
N ASP B 33 13.70 1.11 -10.92
CA ASP B 33 14.30 1.75 -9.76
C ASP B 33 15.45 0.93 -9.18
N ALA B 34 15.34 -0.41 -9.16
CA ALA B 34 16.42 -1.24 -8.64
C ALA B 34 17.67 -1.10 -9.53
N ILE B 35 17.48 -1.12 -10.88
CA ILE B 35 18.58 -0.97 -11.82
C ILE B 35 19.20 0.43 -11.65
N ASP B 36 18.37 1.48 -11.63
CA ASP B 36 18.86 2.85 -11.44
C ASP B 36 19.63 2.99 -10.14
N CYS B 37 19.10 2.43 -9.05
N CYS B 37 19.07 2.43 -9.03
CA CYS B 37 19.75 2.53 -7.76
CA CYS B 37 19.71 2.47 -7.70
C CYS B 37 21.09 1.79 -7.76
C CYS B 37 21.07 1.77 -7.74
N ALA B 38 21.14 0.61 -8.38
CA ALA B 38 22.38 -0.15 -8.51
C ALA B 38 23.38 0.62 -9.33
N ASN B 39 22.93 1.19 -10.44
CA ASN B 39 23.83 2.02 -11.28
C ASN B 39 24.36 3.24 -10.48
N GLN B 40 23.49 3.91 -9.71
CA GLN B 40 23.84 5.07 -8.90
C GLN B 40 24.87 4.65 -7.84
N ALA B 41 24.64 3.52 -7.20
CA ALA B 41 25.55 3.01 -6.17
C ALA B 41 26.92 2.66 -6.78
N LEU B 42 26.94 1.97 -7.93
CA LEU B 42 28.20 1.59 -8.58
C LEU B 42 28.95 2.84 -9.09
N GLN B 43 28.21 3.91 -9.44
CA GLN B 43 28.80 5.18 -9.90
C GLN B 43 29.49 5.93 -8.76
N LYS B 44 28.92 5.84 -7.54
CA LYS B 44 29.41 6.60 -6.40
C LYS B 44 30.44 5.86 -5.53
N TYR B 45 30.32 4.53 -5.37
CA TYR B 45 31.09 3.78 -4.40
C TYR B 45 31.96 2.70 -5.05
N ASN B 46 33.13 2.44 -4.47
CA ASN B 46 34.07 1.44 -5.00
C ASN B 46 33.91 0.07 -4.32
N VAL B 47 33.56 0.05 -3.02
CA VAL B 47 33.52 -1.18 -2.22
C VAL B 47 32.13 -1.83 -2.32
N GLU B 48 32.09 -3.13 -2.67
CA GLU B 48 30.82 -3.80 -2.96
C GLU B 48 29.89 -3.83 -1.76
N LYS B 49 30.41 -3.98 -0.53
CA LYS B 49 29.55 -3.93 0.66
C LYS B 49 28.84 -2.56 0.75
N ASP B 50 29.54 -1.45 0.41
CA ASP B 50 28.95 -0.10 0.46
C ASP B 50 27.94 0.10 -0.66
N ILE B 51 28.24 -0.46 -1.84
CA ILE B 51 27.32 -0.40 -2.97
C ILE B 51 26.00 -1.06 -2.58
N ALA B 52 26.08 -2.27 -2.01
CA ALA B 52 24.91 -3.03 -1.59
C ALA B 52 24.12 -2.26 -0.52
N ALA B 53 24.83 -1.67 0.44
CA ALA B 53 24.17 -0.94 1.52
C ALA B 53 23.40 0.26 0.98
N HIS B 54 23.93 0.92 -0.07
CA HIS B 54 23.26 2.08 -0.66
C HIS B 54 21.95 1.66 -1.32
N ILE B 55 21.97 0.52 -2.01
CA ILE B 55 20.79 0.02 -2.68
C ILE B 55 19.74 -0.33 -1.64
N LYS B 56 20.14 -1.09 -0.61
CA LYS B 56 19.25 -1.45 0.49
C LYS B 56 18.60 -0.22 1.14
N LYS B 57 19.41 0.79 1.49
CA LYS B 57 18.93 2.00 2.15
C LYS B 57 17.90 2.72 1.27
N GLU B 58 18.20 2.85 -0.03
CA GLU B 58 17.28 3.53 -0.94
C GLU B 58 15.96 2.77 -1.09
N PHE B 59 15.99 1.44 -1.13
CA PHE B 59 14.76 0.66 -1.24
C PHE B 59 13.97 0.70 0.11
N ASP B 60 14.65 0.73 1.26
CA ASP B 60 13.94 0.91 2.54
C ASP B 60 13.20 2.24 2.52
N ARG B 61 13.87 3.30 2.07
CA ARG B 61 13.26 4.63 2.05
C ARG B 61 12.10 4.76 1.03
N LYS B 62 12.27 4.23 -0.20
N LYS B 62 12.28 4.27 -0.18
CA LYS B 62 11.29 4.42 -1.29
CA LYS B 62 11.26 4.41 -1.22
C LYS B 62 10.19 3.34 -1.35
C LYS B 62 10.13 3.41 -1.01
N TYR B 63 10.49 2.12 -0.90
CA TYR B 63 9.51 1.02 -0.93
C TYR B 63 9.26 0.33 0.44
N ASP B 64 9.70 0.96 1.54
CA ASP B 64 9.48 0.56 2.93
C ASP B 64 10.31 -0.67 3.32
N PRO B 65 10.72 -0.72 4.61
CA PRO B 65 11.61 -1.81 5.06
C PRO B 65 10.89 -3.16 5.20
N THR B 66 11.63 -4.29 5.30
CA THR B 66 13.09 -4.33 5.40
C THR B 66 13.68 -5.02 4.20
N TRP B 67 14.52 -4.30 3.45
CA TRP B 67 15.24 -4.86 2.33
C TRP B 67 16.62 -5.29 2.75
N HIS B 68 17.20 -6.14 1.94
CA HIS B 68 18.56 -6.65 2.12
C HIS B 68 19.18 -6.71 0.74
N CYS B 69 20.48 -6.56 0.65
CA CYS B 69 21.14 -6.55 -0.63
C CYS B 69 22.53 -7.08 -0.53
N VAL B 70 22.94 -7.90 -1.53
CA VAL B 70 24.33 -8.32 -1.68
C VAL B 70 24.76 -8.10 -3.11
N VAL B 71 25.97 -7.61 -3.27
CA VAL B 71 26.55 -7.26 -4.55
C VAL B 71 27.80 -8.09 -4.76
N GLY B 72 27.98 -8.60 -5.97
CA GLY B 72 29.15 -9.40 -6.30
C GLY B 72 29.13 -10.76 -5.65
N ARG B 73 30.31 -11.36 -5.46
CA ARG B 73 30.39 -12.73 -4.95
C ARG B 73 31.30 -12.85 -3.73
N ASN B 74 31.63 -11.71 -3.05
CA ASN B 74 32.50 -11.73 -1.89
C ASN B 74 31.80 -10.96 -0.77
N PHE B 75 30.59 -11.42 -0.43
CA PHE B 75 29.74 -10.78 0.56
C PHE B 75 29.56 -11.64 1.80
N GLY B 76 29.10 -11.03 2.87
CA GLY B 76 28.81 -11.74 4.10
C GLY B 76 27.55 -12.58 3.95
N SER B 77 27.60 -13.85 4.39
CA SER B 77 26.44 -14.74 4.26
C SER B 77 25.27 -14.24 5.08
N TYR B 78 24.07 -14.59 4.64
CA TYR B 78 22.86 -14.14 5.29
C TYR B 78 21.82 -15.22 5.22
N VAL B 79 21.14 -15.46 6.33
CA VAL B 79 20.03 -16.38 6.38
C VAL B 79 18.78 -15.53 6.46
N THR B 80 17.88 -15.69 5.52
CA THR B 80 16.72 -14.85 5.45
C THR B 80 15.47 -15.60 5.86
N HIS B 81 14.52 -14.87 6.42
CA HIS B 81 13.22 -15.41 6.67
C HIS B 81 12.47 -15.30 5.34
N GLU B 82 11.21 -15.70 5.30
CA GLU B 82 10.51 -15.80 4.03
C GLU B 82 10.63 -14.52 3.24
N THR B 83 11.13 -14.64 2.01
N THR B 83 11.10 -14.64 2.01
CA THR B 83 11.22 -13.51 1.11
CA THR B 83 11.21 -13.53 1.10
C THR B 83 9.81 -13.21 0.59
C THR B 83 9.82 -13.22 0.57
N LYS B 84 9.49 -11.93 0.45
CA LYS B 84 8.18 -11.47 -0.05
C LYS B 84 8.31 -10.76 -1.40
N ASN B 85 9.48 -10.22 -1.70
N ASN B 85 9.39 -10.00 -1.60
CA ASN B 85 9.77 -9.61 -2.97
CA ASN B 85 9.67 -9.33 -2.86
C ASN B 85 11.28 -9.62 -3.16
C ASN B 85 11.10 -9.67 -3.21
N PHE B 86 11.74 -9.77 -4.40
N PHE B 86 11.43 -9.66 -4.50
CA PHE B 86 13.16 -9.77 -4.68
CA PHE B 86 12.68 -10.22 -4.95
C PHE B 86 13.42 -9.59 -6.15
C PHE B 86 13.13 -9.72 -6.30
N ILE B 87 14.65 -9.17 -6.47
N ILE B 87 14.45 -9.57 -6.48
CA ILE B 87 15.13 -9.13 -7.82
CA ILE B 87 15.04 -9.31 -7.77
C ILE B 87 16.60 -9.56 -7.84
C ILE B 87 16.53 -9.70 -7.74
N TYR B 88 16.94 -10.43 -8.79
CA TYR B 88 18.29 -10.91 -9.00
C TYR B 88 18.67 -10.47 -10.42
N PHE B 89 19.70 -9.65 -10.55
CA PHE B 89 20.06 -9.12 -11.87
C PHE B 89 21.53 -8.74 -11.90
N TYR B 90 22.01 -8.33 -13.05
CA TYR B 90 23.41 -7.99 -13.25
C TYR B 90 23.59 -6.62 -13.79
N ILE B 91 24.67 -5.97 -13.37
CA ILE B 91 25.20 -4.75 -13.98
C ILE B 91 26.57 -5.17 -14.49
N GLY B 92 26.65 -5.47 -15.78
CA GLY B 92 27.86 -6.05 -16.34
C GLY B 92 28.11 -7.42 -15.72
N GLN B 93 29.31 -7.66 -15.23
CA GLN B 93 29.64 -8.96 -14.61
C GLN B 93 29.24 -9.02 -13.13
N VAL B 94 28.73 -7.91 -12.56
CA VAL B 94 28.46 -7.83 -11.13
C VAL B 94 26.99 -8.20 -10.82
N ALA B 95 26.79 -9.25 -10.03
CA ALA B 95 25.47 -9.71 -9.61
C ALA B 95 24.93 -8.83 -8.51
N ILE B 96 23.63 -8.60 -8.54
CA ILE B 96 22.94 -7.87 -7.50
C ILE B 96 21.74 -8.70 -7.08
N LEU B 97 21.65 -9.00 -5.79
CA LEU B 97 20.49 -9.67 -5.23
C LEU B 97 19.86 -8.73 -4.20
N LEU B 98 18.59 -8.34 -4.42
CA LEU B 98 17.90 -7.37 -3.58
C LEU B 98 16.58 -7.97 -3.21
N PHE B 99 16.31 -8.11 -1.92
CA PHE B 99 15.13 -8.82 -1.49
C PHE B 99 14.58 -8.25 -0.19
N LYS B 100 13.27 -8.43 0.01
CA LYS B 100 12.55 -7.96 1.18
C LYS B 100 12.18 -9.16 2.02
N SER B 101 12.55 -9.13 3.30
CA SER B 101 12.28 -10.24 4.22
C SER B 101 12.45 -9.79 5.67
N GLY B 102 11.78 -10.51 6.58
CA GLY B 102 11.88 -10.28 8.02
C GLY B 102 11.66 -8.84 8.45
N GLY C 18 -23.12 0.36 8.56
CA GLY C 18 -22.10 -0.36 9.30
C GLY C 18 -21.13 -1.14 8.44
N SER C 19 -20.74 -0.58 7.27
CA SER C 19 -19.75 -1.21 6.37
C SER C 19 -18.39 -0.60 6.70
N VAL C 20 -17.52 -1.37 7.36
CA VAL C 20 -16.23 -0.87 7.84
C VAL C 20 -15.11 -1.83 7.51
N VAL C 21 -13.97 -1.32 7.07
CA VAL C 21 -12.73 -2.09 7.02
C VAL C 21 -11.81 -1.37 7.99
N LYS C 22 -11.24 -2.09 8.95
CA LYS C 22 -10.34 -1.46 9.90
C LYS C 22 -9.22 -2.39 10.28
N ASN C 23 -8.12 -1.83 10.79
CA ASN C 23 -7.01 -2.61 11.30
C ASN C 23 -7.35 -3.11 12.70
N VAL C 24 -6.74 -4.21 13.11
CA VAL C 24 -6.94 -4.78 14.46
C VAL C 24 -6.67 -3.75 15.59
N ASP C 25 -5.75 -2.78 15.36
CA ASP C 25 -5.41 -1.76 16.38
C ASP C 25 -6.46 -0.64 16.45
N MET C 26 -7.42 -0.61 15.52
CA MET C 26 -8.53 0.34 15.54
C MET C 26 -9.62 -0.31 16.40
N THR C 27 -9.45 -0.32 17.77
CA THR C 27 -10.45 -1.01 18.58
C THR C 27 -11.68 -0.14 18.75
N GLU C 28 -12.71 -0.66 19.42
CA GLU C 28 -13.99 0.00 19.54
C GLU C 28 -13.89 1.49 19.93
N GLU C 29 -13.10 1.80 20.97
N GLU C 29 -13.10 1.80 20.97
CA GLU C 29 -13.01 3.18 21.47
CA GLU C 29 -13.00 3.18 21.47
C GLU C 29 -12.45 4.11 20.38
C GLU C 29 -12.45 4.11 20.38
N MET C 30 -11.44 3.66 19.63
CA MET C 30 -10.84 4.46 18.58
C MET C 30 -11.81 4.58 17.39
N GLN C 31 -12.50 3.50 17.05
CA GLN C 31 -13.50 3.53 15.98
C GLN C 31 -14.64 4.50 16.34
N ILE C 32 -15.16 4.44 17.58
CA ILE C 32 -16.20 5.35 18.05
C ILE C 32 -15.69 6.80 17.91
N ASP C 33 -14.43 7.05 18.29
CA ASP C 33 -13.86 8.39 18.17
C ASP C 33 -13.73 8.83 16.70
N ALA C 34 -13.35 7.90 15.78
CA ALA C 34 -13.25 8.25 14.36
C ALA C 34 -14.64 8.64 13.80
N ILE C 35 -15.68 7.85 14.16
CA ILE C 35 -17.06 8.15 13.73
C ILE C 35 -17.49 9.50 14.32
N ASP C 36 -17.27 9.71 15.63
CA ASP C 36 -17.62 10.97 16.30
C ASP C 36 -16.91 12.14 15.66
N CYS C 37 -15.62 12.00 15.40
N CYS C 37 -15.58 12.01 15.40
CA CYS C 37 -14.84 13.06 14.80
CA CYS C 37 -14.77 13.07 14.77
C CYS C 37 -15.34 13.38 13.39
C CYS C 37 -15.31 13.38 13.38
N ALA C 38 -15.64 12.35 12.60
CA ALA C 38 -16.18 12.54 11.24
C ALA C 38 -17.52 13.23 11.30
N ASN C 39 -18.40 12.80 12.22
CA ASN C 39 -19.69 13.46 12.39
C ASN C 39 -19.51 14.93 12.81
N GLN C 40 -18.56 15.21 13.72
CA GLN C 40 -18.28 16.57 14.18
C GLN C 40 -17.76 17.41 13.01
N ALA C 41 -16.86 16.85 12.23
CA ALA C 41 -16.31 17.55 11.08
C ALA C 41 -17.39 17.86 10.01
N LEU C 42 -18.28 16.88 9.73
CA LEU C 42 -19.33 17.07 8.74
C LEU C 42 -20.37 18.08 9.24
N GLN C 43 -20.57 18.15 10.57
CA GLN C 43 -21.49 19.09 11.20
C GLN C 43 -20.98 20.54 11.09
N LYS C 44 -19.65 20.72 11.19
CA LYS C 44 -19.04 22.05 11.25
C LYS C 44 -18.64 22.60 9.87
N TYR C 45 -18.16 21.75 8.94
CA TYR C 45 -17.55 22.21 7.69
C TYR C 45 -18.27 21.70 6.46
N ASN C 46 -18.25 22.51 5.39
CA ASN C 46 -18.92 22.18 4.15
C ASN C 46 -18.00 21.53 3.13
N VAL C 47 -16.70 21.93 3.11
CA VAL C 47 -15.75 21.51 2.08
C VAL C 47 -15.04 20.23 2.51
N GLU C 48 -15.07 19.20 1.66
CA GLU C 48 -14.58 17.87 2.04
C GLU C 48 -13.10 17.88 2.42
N LYS C 49 -12.27 18.70 1.77
CA LYS C 49 -10.85 18.79 2.16
C LYS C 49 -10.72 19.29 3.61
N ASP C 50 -11.57 20.23 4.03
CA ASP C 50 -11.53 20.78 5.40
C ASP C 50 -12.06 19.77 6.40
N ILE C 51 -13.09 19.03 6.01
CA ILE C 51 -13.65 17.97 6.85
C ILE C 51 -12.55 16.95 7.14
N ALA C 52 -11.88 16.47 6.09
CA ALA C 52 -10.81 15.50 6.22
C ALA C 52 -9.70 16.04 7.13
N ALA C 53 -9.30 17.30 6.91
CA ALA C 53 -8.22 17.92 7.69
C ALA C 53 -8.57 18.00 9.18
N HIS C 54 -9.86 18.24 9.52
CA HIS C 54 -10.29 18.30 10.92
C HIS C 54 -10.16 16.92 11.59
N ILE C 55 -10.53 15.87 10.86
CA ILE C 55 -10.45 14.51 11.39
C ILE C 55 -8.99 14.16 11.63
N LYS C 56 -8.14 14.41 10.62
CA LYS C 56 -6.70 14.15 10.72
C LYS C 56 -6.10 14.88 11.93
N LYS C 57 -6.41 16.19 12.09
CA LYS C 57 -5.87 16.99 13.18
C LYS C 57 -6.28 16.41 14.54
N GLU C 58 -7.54 16.06 14.68
CA GLU C 58 -8.05 15.53 15.95
C GLU C 58 -7.41 14.19 16.28
N PHE C 59 -7.15 13.35 15.27
CA PHE C 59 -6.52 12.06 15.55
C PHE C 59 -5.00 12.24 15.86
N ASP C 60 -4.32 13.22 15.23
CA ASP C 60 -2.93 13.51 15.60
C ASP C 60 -2.87 13.92 17.07
N ARG C 61 -3.81 14.76 17.49
CA ARG C 61 -3.85 15.27 18.86
C ARG C 61 -4.18 14.19 19.89
N LYS C 62 -5.20 13.38 19.63
N LYS C 62 -5.22 13.35 19.60
CA LYS C 62 -5.64 12.39 20.58
CA LYS C 62 -5.75 12.35 20.56
C LYS C 62 -4.74 11.16 20.55
C LYS C 62 -5.04 11.00 20.50
N TYR C 63 -4.50 10.61 19.35
CA TYR C 63 -3.84 9.31 19.18
C TYR C 63 -2.42 9.40 18.57
N ASP C 64 -1.82 10.60 18.55
CA ASP C 64 -0.45 10.85 18.15
C ASP C 64 -0.22 10.71 16.65
N PRO C 65 0.70 11.54 16.12
CA PRO C 65 0.91 11.60 14.69
C PRO C 65 1.66 10.38 14.13
N THR C 66 1.60 10.13 12.81
CA THR C 66 1.01 11.03 11.81
C THR C 66 -0.15 10.37 11.13
N TRP C 67 -1.34 10.97 11.23
CA TRP C 67 -2.52 10.50 10.55
C TRP C 67 -2.74 11.25 9.26
N HIS C 68 -3.52 10.64 8.39
CA HIS C 68 -3.89 11.17 7.07
C HIS C 68 -5.35 10.85 6.86
N CYS C 69 -6.07 11.67 6.13
CA CYS C 69 -7.48 11.46 5.95
C CYS C 69 -7.93 12.00 4.64
N VAL C 70 -8.80 11.23 3.94
CA VAL C 70 -9.48 11.71 2.74
C VAL C 70 -10.94 11.42 2.90
N VAL C 71 -11.77 12.38 2.46
CA VAL C 71 -13.22 12.32 2.58
C VAL C 71 -13.81 12.42 1.21
N GLY C 72 -14.83 11.62 0.93
CA GLY C 72 -15.49 11.65 -0.36
C GLY C 72 -14.63 11.07 -1.46
N ARG C 73 -14.89 11.48 -2.71
CA ARG C 73 -14.21 10.88 -3.88
C ARG C 73 -13.55 11.92 -4.78
N ASN C 74 -13.36 13.16 -4.29
CA ASN C 74 -12.77 14.22 -5.08
C ASN C 74 -11.63 14.86 -4.29
N PHE C 75 -10.68 14.00 -3.86
CA PHE C 75 -9.56 14.39 -3.00
C PHE C 75 -8.24 14.33 -3.75
N GLY C 76 -7.23 14.96 -3.18
CA GLY C 76 -5.89 14.93 -3.73
C GLY C 76 -5.25 13.59 -3.48
N SER C 77 -4.64 13.00 -4.52
CA SER C 77 -4.02 11.69 -4.40
C SER C 77 -2.86 11.69 -3.39
N TYR C 78 -2.63 10.55 -2.78
CA TYR C 78 -1.61 10.42 -1.77
C TYR C 78 -0.95 9.07 -1.86
N VAL C 79 0.38 9.05 -1.80
CA VAL C 79 1.15 7.84 -1.76
C VAL C 79 1.63 7.70 -0.33
N THR C 80 1.27 6.60 0.30
CA THR C 80 1.58 6.41 1.70
C THR C 80 2.67 5.39 1.87
N HIS C 81 3.43 5.54 2.93
CA HIS C 81 4.34 4.52 3.34
C HIS C 81 3.48 3.51 4.13
N GLU C 82 4.07 2.43 4.64
CA GLU C 82 3.28 1.37 5.28
C GLU C 82 2.32 1.94 6.31
N THR C 83 1.02 1.65 6.15
CA THR C 83 0.03 2.03 7.12
C THR C 83 0.18 1.08 8.29
N LYS C 84 0.02 1.62 9.48
CA LYS C 84 0.11 0.87 10.75
C LYS C 84 -1.25 0.77 11.44
N ASN C 85 -2.18 1.63 11.07
N ASN C 85 -2.09 1.81 11.32
CA ASN C 85 -3.55 1.61 11.57
CA ASN C 85 -3.46 1.81 11.83
C ASN C 85 -4.38 2.41 10.60
C ASN C 85 -4.34 2.24 10.71
N PHE C 86 -5.62 2.00 10.38
N PHE C 86 -5.60 1.82 10.73
CA PHE C 86 -6.52 2.71 9.51
CA PHE C 86 -6.44 1.97 9.58
C PHE C 86 -7.93 2.28 9.73
C PHE C 86 -7.91 1.92 9.88
N ILE C 87 -8.87 3.11 9.28
N ILE C 87 -8.71 2.73 9.15
CA ILE C 87 -10.26 2.75 9.23
CA ILE C 87 -10.16 2.62 9.19
C ILE C 87 -10.88 3.34 7.98
C ILE C 87 -10.76 3.26 7.92
N TYR C 88 -11.70 2.54 7.31
CA TYR C 88 -12.42 2.94 6.11
C TYR C 88 -13.89 2.75 6.44
N PHE C 89 -14.66 3.83 6.39
CA PHE C 89 -16.06 3.76 6.77
C PHE C 89 -16.85 4.85 6.09
N TYR C 90 -18.17 4.83 6.28
CA TYR C 90 -19.05 5.78 5.64
C TYR C 90 -19.91 6.52 6.62
N ILE C 91 -20.18 7.80 6.31
CA ILE C 91 -21.22 8.59 6.97
C ILE C 91 -22.20 8.87 5.86
N GLY C 92 -23.27 8.09 5.81
CA GLY C 92 -24.21 8.14 4.69
C GLY C 92 -23.49 7.73 3.41
N GLN C 93 -23.56 8.56 2.38
CA GLN C 93 -22.93 8.23 1.09
C GLN C 93 -21.47 8.66 1.03
N VAL C 94 -20.97 9.35 2.08
CA VAL C 94 -19.64 9.93 2.07
C VAL C 94 -18.61 8.96 2.70
N ALA C 95 -17.60 8.59 1.91
CA ALA C 95 -16.54 7.69 2.38
C ALA C 95 -15.53 8.46 3.21
N ILE C 96 -15.00 7.81 4.23
CA ILE C 96 -13.94 8.35 5.06
C ILE C 96 -12.83 7.32 5.11
N LEU C 97 -11.60 7.73 4.77
CA LEU C 97 -10.46 6.87 4.93
C LEU C 97 -9.48 7.59 5.85
N LEU C 98 -9.16 6.98 6.98
CA LEU C 98 -8.32 7.60 8.01
C LEU C 98 -7.25 6.61 8.37
N PHE C 99 -5.98 6.99 8.19
CA PHE C 99 -4.90 6.04 8.38
C PHE C 99 -3.66 6.69 8.93
N LYS C 100 -2.83 5.89 9.63
CA LYS C 100 -1.59 6.34 10.24
C LYS C 100 -0.44 5.76 9.47
N SER C 101 0.48 6.61 9.01
CA SER C 101 1.62 6.19 8.20
C SER C 101 2.68 7.27 8.15
N GLY C 102 3.91 6.88 7.80
CA GLY C 102 5.03 7.80 7.63
C GLY C 102 5.31 8.73 8.80
#